data_5LFK
#
_entry.id   5LFK
#
_cell.length_a   145.734
_cell.length_b   145.734
_cell.length_c   225.191
_cell.angle_alpha   90.00
_cell.angle_beta   90.00
_cell.angle_gamma   120.00
#
_symmetry.space_group_name_H-M   'P 61 2 2'
#
loop_
_entity.id
_entity.type
_entity.pdbx_description
1 polymer 'Sensor histidine kinase CpxA'
2 polymer 'Sensor histidine kinase CpxA'
3 non-polymer 'SULFATE ION'
4 non-polymer "ADENOSINE-5'-TRIPHOSPHATE"
5 non-polymer 'MAGNESIUM ION'
#
loop_
_entity_poly.entity_id
_entity_poly.type
_entity_poly.pdbx_seq_one_letter_code
_entity_poly.pdbx_strand_id
1 'polypeptide(L)'
;MGSSHHHHHHSSGLVPRGSHMENLYFQGKPARKLKNAADEVAQGNLRQHPELEAGPQEFLAAGASFNQVVTALERMMTSQ
QRLLSDISHELRTPLTRLQLGTALLRRRSGESKELERIETEAQRLDSMINDLLVMSRNQQKNALVSETIKANQLWSEVLD
NAAFEAEQMGKSLTVNFPPGPWPLYGNPNALESALENIVRNALRYSHTKIEVGFAVDKDGITITVDDDGPGVSPEDREQI
FRPFYRTDEARDRESGGTGLGLAIVETAIQQHRGWVKAEDSPLGGLRLVIWLPLYKRS
;
A
2 'polypeptide(L)'
;MGSSHHHHHHSSGLVPRGSHMENLYFQGKPARKLKNAADEVAQGNLRQHPELEAGPQEFLAAGASFNQVVTALERMMTSQ
QRLLSDIS(NEP)ELRTPLTRLQLGTALLRRRSGESKELERIETEAQRLDSMINDLLVMSRNQQKNALVSETIKANQLWS
EVLDNAAFEAEQMGKSLTVNFPPGPWPLYGNPNALESALENIVRNALRYSHTKIEVGFAVDKDGITITVDDDGPGVSPED
REQIFRPFYRTDEARDRESGGTGLGLAIVETAIQQHRGWVKAEDSPLGGLRLVIWLPLYKRS
;
B
#
loop_
_chem_comp.id
_chem_comp.type
_chem_comp.name
_chem_comp.formula
ATP non-polymer ADENOSINE-5'-TRIPHOSPHATE 'C10 H16 N5 O13 P3'
MG non-polymer 'MAGNESIUM ION' 'Mg 2'
SO4 non-polymer 'SULFATE ION' 'O4 S -2'
#
# COMPACT_ATOMS: atom_id res chain seq x y z
N ALA A 54 -6.17 -20.46 -8.65
CA ALA A 54 -5.14 -20.83 -7.69
C ALA A 54 -3.79 -20.27 -8.08
N GLY A 55 -2.75 -20.71 -7.37
CA GLY A 55 -1.40 -20.23 -7.57
C GLY A 55 -1.00 -20.34 -9.02
N PRO A 56 -0.39 -19.28 -9.55
CA PRO A 56 -0.02 -19.33 -10.97
C PRO A 56 0.97 -20.44 -11.22
N GLN A 57 1.82 -20.71 -10.23
CA GLN A 57 2.64 -21.90 -10.22
C GLN A 57 1.82 -23.17 -10.46
N GLU A 58 0.59 -23.22 -9.92
CA GLU A 58 -0.21 -24.42 -10.10
C GLU A 58 -0.80 -24.47 -11.51
N PHE A 59 -1.33 -23.36 -12.02
CA PHE A 59 -1.67 -23.29 -13.44
C PHE A 59 -0.52 -23.80 -14.31
N LEU A 60 0.70 -23.33 -14.04
CA LEU A 60 1.88 -23.86 -14.70
C LEU A 60 1.96 -25.35 -14.51
N ALA A 61 1.77 -25.82 -13.27
CA ALA A 61 1.85 -27.25 -13.02
C ALA A 61 0.78 -28.02 -13.78
N ALA A 62 -0.42 -27.44 -13.93
CA ALA A 62 -1.51 -28.12 -14.64
C ALA A 62 -1.17 -28.38 -16.10
N GLY A 63 -0.71 -27.35 -16.80
CA GLY A 63 -0.41 -27.44 -18.22
C GLY A 63 -1.08 -26.33 -19.01
N ALA A 64 -1.48 -25.27 -18.32
CA ALA A 64 -2.21 -24.19 -18.94
C ALA A 64 -1.28 -23.38 -19.84
N SER A 65 -1.90 -22.62 -20.73
CA SER A 65 -1.13 -21.84 -21.68
C SER A 65 -0.23 -20.85 -20.96
N PHE A 66 0.76 -20.37 -21.69
CA PHE A 66 1.51 -19.19 -21.27
C PHE A 66 0.58 -18.07 -20.80
N ASN A 67 -0.39 -17.70 -21.65
CA ASN A 67 -1.29 -16.60 -21.35
C ASN A 67 -2.06 -16.85 -20.06
N GLN A 68 -2.53 -18.07 -19.86
CA GLN A 68 -3.25 -18.38 -18.64
C GLN A 68 -2.35 -18.25 -17.41
N VAL A 69 -1.14 -18.83 -17.47
CA VAL A 69 -0.25 -18.70 -16.32
C VAL A 69 -0.05 -17.25 -15.95
N VAL A 70 0.08 -16.37 -16.94
CA VAL A 70 0.36 -14.97 -16.59
C VAL A 70 -0.90 -14.29 -16.05
N THR A 71 -2.08 -14.61 -16.59
CA THR A 71 -3.25 -13.95 -16.02
C THR A 71 -3.52 -14.49 -14.62
N ALA A 72 -3.15 -15.75 -14.35
CA ALA A 72 -3.15 -16.24 -12.97
C ALA A 72 -2.23 -15.40 -12.10
N LEU A 73 -1.00 -15.14 -12.57
CA LEU A 73 -0.12 -14.26 -11.82
C LEU A 73 -0.75 -12.90 -11.61
N GLU A 74 -1.22 -12.27 -12.71
CA GLU A 74 -1.91 -10.98 -12.61
C GLU A 74 -2.98 -11.02 -11.52
N ARG A 75 -3.72 -12.13 -11.43
CA ARG A 75 -4.71 -12.30 -10.39
C ARG A 75 -4.08 -12.24 -9.00
N MET A 76 -3.14 -13.15 -8.71
CA MET A 76 -2.49 -13.15 -7.39
C MET A 76 -1.92 -11.78 -7.06
N MET A 77 -1.47 -11.04 -8.09
CA MET A 77 -0.92 -9.71 -7.87
C MET A 77 -1.98 -8.74 -7.37
N THR A 78 -3.09 -8.61 -8.10
CA THR A 78 -4.15 -7.69 -7.66
C THR A 78 -4.61 -8.03 -6.24
N SER A 79 -4.52 -9.32 -5.86
CA SER A 79 -4.83 -9.72 -4.50
C SER A 79 -3.79 -9.15 -3.53
N GLN A 80 -2.53 -9.52 -3.71
CA GLN A 80 -1.46 -8.94 -2.91
C GLN A 80 -1.53 -7.41 -2.94
N GLN A 81 -1.90 -6.83 -4.08
CA GLN A 81 -2.01 -5.38 -4.15
C GLN A 81 -3.09 -4.85 -3.22
N ARG A 82 -4.25 -5.53 -3.17
CA ARG A 82 -5.33 -5.13 -2.25
C ARG A 82 -4.90 -5.32 -0.81
N LEU A 83 -4.35 -6.51 -0.49
CA LEU A 83 -3.84 -6.76 0.85
C LEU A 83 -2.93 -5.64 1.29
N LEU A 84 -2.08 -5.15 0.37
CA LEU A 84 -1.22 -4.04 0.70
C LEU A 84 -2.04 -2.79 1.03
N SER A 85 -2.92 -2.38 0.11
CA SER A 85 -3.56 -1.10 0.32
C SER A 85 -4.60 -1.16 1.43
N ASP A 86 -5.12 -2.35 1.74
CA ASP A 86 -5.99 -2.48 2.91
C ASP A 86 -5.18 -2.35 4.20
N ILE A 87 -4.09 -3.11 4.34
CA ILE A 87 -3.29 -2.98 5.57
C ILE A 87 -2.78 -1.56 5.74
N SER A 88 -2.34 -0.93 4.65
CA SER A 88 -1.92 0.46 4.75
C SER A 88 -3.01 1.30 5.37
N HIS A 89 -4.24 1.16 4.85
CA HIS A 89 -5.36 1.93 5.34
C HIS A 89 -5.55 1.74 6.86
N GLU A 90 -5.35 0.51 7.33
CA GLU A 90 -5.66 0.17 8.72
C GLU A 90 -4.53 0.46 9.69
N LEU A 91 -3.32 0.77 9.21
CA LEU A 91 -2.25 1.21 10.10
C LEU A 91 -2.41 2.67 10.50
N ARG A 92 -3.13 3.45 9.70
CA ARG A 92 -3.36 4.84 10.04
C ARG A 92 -4.18 4.95 11.31
N THR A 93 -5.16 4.03 11.50
CA THR A 93 -6.05 4.07 12.65
C THR A 93 -5.22 4.15 13.93
N PRO A 94 -4.45 3.12 14.30
CA PRO A 94 -3.75 3.20 15.60
C PRO A 94 -2.72 4.30 15.64
N LEU A 95 -2.12 4.62 14.50
CA LEU A 95 -1.21 5.75 14.41
C LEU A 95 -1.90 7.03 14.86
N THR A 96 -3.05 7.36 14.26
CA THR A 96 -3.85 8.50 14.69
C THR A 96 -4.04 8.51 16.21
N ARG A 97 -4.37 7.35 16.78
CA ARG A 97 -4.56 7.26 18.23
C ARG A 97 -3.25 7.47 18.97
N LEU A 98 -2.15 6.89 18.47
CA LEU A 98 -0.85 7.10 19.09
C LEU A 98 -0.49 8.59 19.09
N GLN A 99 -0.80 9.29 18.00
CA GLN A 99 -0.45 10.69 17.93
C GLN A 99 -1.43 11.55 18.72
N LEU A 100 -2.64 11.05 18.97
CA LEU A 100 -3.50 11.63 19.99
C LEU A 100 -2.87 11.49 21.37
N GLY A 101 -2.15 10.39 21.59
CA GLY A 101 -1.53 10.16 22.89
C GLY A 101 -0.32 11.04 23.12
N THR A 102 0.62 11.07 22.17
CA THR A 102 1.75 11.98 22.33
C THR A 102 1.25 13.40 22.59
N ALA A 103 0.26 13.85 21.81
CA ALA A 103 -0.28 15.19 21.97
C ALA A 103 -0.72 15.45 23.41
N LEU A 104 -1.32 14.45 24.03
CA LEU A 104 -1.73 14.59 25.42
C LEU A 104 -0.55 14.46 26.37
N LEU A 105 0.42 13.60 26.05
CA LEU A 105 1.62 13.52 26.87
C LEU A 105 2.33 14.87 26.91
N ARG A 106 2.43 15.53 25.76
CA ARG A 106 3.00 16.88 25.69
C ARG A 106 2.32 17.81 26.69
N ARG A 107 1.03 18.06 26.50
CA ARG A 107 0.26 18.99 27.34
C ARG A 107 0.35 18.62 28.82
N ARG A 108 1.00 17.51 29.14
CA ARG A 108 1.16 17.10 30.53
C ARG A 108 2.61 17.26 30.97
N SER A 109 3.45 16.29 30.64
CA SER A 109 4.81 16.22 31.16
C SER A 109 5.81 17.03 30.33
N GLY A 110 5.36 17.70 29.27
CA GLY A 110 6.24 18.56 28.51
C GLY A 110 7.21 17.84 27.58
N GLU A 111 8.05 18.65 26.96
CA GLU A 111 8.97 18.20 25.92
C GLU A 111 9.96 17.18 26.48
N SER A 112 10.50 16.37 25.59
CA SER A 112 11.38 15.30 26.01
C SER A 112 12.22 14.83 24.83
N LYS A 113 13.46 14.39 25.14
CA LYS A 113 14.26 13.71 24.13
C LYS A 113 13.54 12.44 23.70
N GLU A 114 12.98 11.70 24.67
CA GLU A 114 12.22 10.49 24.36
C GLU A 114 10.95 10.81 23.57
N LEU A 115 10.13 11.74 24.06
CA LEU A 115 8.93 12.09 23.33
C LEU A 115 9.26 12.51 21.91
N GLU A 116 10.29 13.34 21.73
CA GLU A 116 10.65 13.77 20.38
C GLU A 116 10.98 12.58 19.50
N ARG A 117 11.61 11.55 20.05
CA ARG A 117 11.91 10.38 19.24
C ARG A 117 10.63 9.69 18.81
N ILE A 118 9.77 9.38 19.79
CA ILE A 118 8.47 8.79 19.51
C ILE A 118 7.77 9.55 18.39
N GLU A 119 7.66 10.87 18.53
CA GLU A 119 6.89 11.64 17.56
C GLU A 119 7.54 11.62 16.18
N THR A 120 8.87 11.62 16.09
CA THR A 120 9.43 11.64 14.75
C THR A 120 9.40 10.25 14.09
N GLU A 121 9.53 9.17 14.87
CA GLU A 121 9.36 7.86 14.26
C GLU A 121 7.91 7.64 13.86
N ALA A 122 6.97 8.21 14.60
CA ALA A 122 5.57 8.17 14.20
C ALA A 122 5.33 8.94 12.91
N GLN A 123 5.95 10.11 12.77
CA GLN A 123 5.72 10.86 11.54
C GLN A 123 6.38 10.19 10.37
N ARG A 124 7.45 9.43 10.63
CA ARG A 124 8.08 8.66 9.58
C ARG A 124 7.15 7.55 9.12
N LEU A 125 6.64 6.77 10.08
CA LEU A 125 5.62 5.78 9.77
C LEU A 125 4.45 6.40 9.03
N ASP A 126 4.00 7.55 9.52
CA ASP A 126 2.93 8.28 8.85
C ASP A 126 3.24 8.52 7.39
N SER A 127 4.47 8.96 7.10
CA SER A 127 4.81 9.32 5.73
C SER A 127 4.89 8.08 4.84
N MET A 128 5.54 7.02 5.32
CA MET A 128 5.67 5.80 4.51
C MET A 128 4.31 5.23 4.15
N ILE A 129 3.40 5.18 5.13
CA ILE A 129 2.07 4.65 4.87
C ILE A 129 1.36 5.49 3.82
N ASN A 130 1.58 6.80 3.85
CA ASN A 130 0.95 7.65 2.84
C ASN A 130 1.57 7.41 1.47
N ASP A 131 2.90 7.36 1.42
CA ASP A 131 3.58 6.94 0.19
C ASP A 131 3.03 5.61 -0.30
N LEU A 132 2.80 4.66 0.62
CA LEU A 132 2.36 3.32 0.24
C LEU A 132 0.95 3.33 -0.35
N LEU A 133 0.06 4.14 0.23
CA LEU A 133 -1.31 4.16 -0.27
C LEU A 133 -1.37 4.72 -1.68
N VAL A 134 -0.66 5.82 -1.92
CA VAL A 134 -0.54 6.40 -3.25
C VAL A 134 -0.11 5.33 -4.24
N MET A 135 0.98 4.62 -3.93
CA MET A 135 1.54 3.65 -4.85
C MET A 135 0.49 2.65 -5.29
N SER A 136 -0.07 1.90 -4.35
CA SER A 136 -1.02 0.88 -4.76
C SER A 136 -2.31 1.48 -5.30
N ARG A 137 -2.65 2.73 -4.97
CA ARG A 137 -3.77 3.36 -5.67
C ARG A 137 -3.48 3.49 -7.17
N ASN A 138 -2.25 3.84 -7.53
CA ASN A 138 -1.88 3.89 -8.94
C ASN A 138 -1.89 2.51 -9.56
N GLN A 139 -1.27 1.54 -8.88
CA GLN A 139 -1.20 0.18 -9.40
C GLN A 139 -2.58 -0.37 -9.68
N GLN A 140 -3.54 -0.05 -8.81
CA GLN A 140 -4.92 -0.49 -8.97
C GLN A 140 -5.77 0.55 -9.69
N LYS A 141 -5.16 1.43 -10.49
CA LYS A 141 -5.94 2.36 -11.29
C LYS A 141 -6.06 1.84 -12.72
N ASN A 142 -4.95 1.70 -13.42
CA ASN A 142 -4.95 1.01 -14.70
C ASN A 142 -4.74 -0.48 -14.45
N ALA A 143 -5.48 -1.30 -15.17
CA ALA A 143 -5.58 -2.72 -14.85
C ALA A 143 -4.35 -3.50 -15.35
N LEU A 144 -4.19 -4.68 -14.75
CA LEU A 144 -3.07 -5.59 -15.02
C LEU A 144 -3.47 -6.49 -16.19
N VAL A 145 -3.05 -6.13 -17.41
CA VAL A 145 -3.36 -6.92 -18.59
C VAL A 145 -2.10 -7.04 -19.43
N SER A 146 -1.42 -8.18 -19.31
CA SER A 146 -0.30 -8.43 -20.22
C SER A 146 -0.83 -8.60 -21.64
N GLU A 147 0.00 -8.24 -22.60
CA GLU A 147 -0.35 -8.38 -24.01
C GLU A 147 0.95 -8.32 -24.81
N THR A 148 0.85 -8.71 -26.06
CA THR A 148 2.01 -8.61 -26.94
C THR A 148 2.08 -7.18 -27.45
N ILE A 149 3.30 -6.63 -27.46
CA ILE A 149 3.53 -5.26 -27.88
C ILE A 149 4.95 -5.15 -28.37
N LYS A 150 5.16 -4.28 -29.37
CA LYS A 150 6.48 -4.08 -29.96
C LYS A 150 7.21 -2.92 -29.28
N ALA A 151 8.54 -3.06 -29.17
CA ALA A 151 9.34 -2.19 -28.29
C ALA A 151 9.26 -0.73 -28.70
N ASN A 152 9.22 -0.44 -30.01
CA ASN A 152 9.14 0.95 -30.42
C ASN A 152 7.77 1.53 -30.15
N GLN A 153 6.70 0.77 -30.37
CA GLN A 153 5.39 1.22 -29.93
C GLN A 153 5.40 1.47 -28.45
N LEU A 154 6.06 0.59 -27.70
CA LEU A 154 6.01 0.61 -26.25
C LEU A 154 6.64 1.87 -25.69
N TRP A 155 7.79 2.27 -26.20
CA TRP A 155 8.59 3.28 -25.53
C TRP A 155 8.87 4.51 -26.36
N SER A 156 8.41 4.58 -27.62
CA SER A 156 8.77 5.74 -28.43
C SER A 156 8.23 7.01 -27.81
N GLU A 157 6.95 7.02 -27.44
CA GLU A 157 6.37 8.25 -26.89
C GLU A 157 7.02 8.63 -25.57
N VAL A 158 7.36 7.64 -24.74
CA VAL A 158 8.12 7.88 -23.53
C VAL A 158 9.39 8.65 -23.85
N LEU A 159 10.17 8.15 -24.83
CA LEU A 159 11.46 8.75 -25.15
C LEU A 159 11.30 10.14 -25.76
N ASP A 160 10.31 10.34 -26.63
CA ASP A 160 10.10 11.65 -27.23
C ASP A 160 9.77 12.70 -26.18
N ASN A 161 9.30 12.29 -24.99
CA ASN A 161 9.02 13.16 -23.87
C ASN A 161 10.24 13.45 -23.02
N ALA A 162 11.04 12.42 -22.71
CA ALA A 162 12.35 12.65 -22.13
C ALA A 162 13.11 13.67 -22.94
N ALA A 163 13.10 13.52 -24.26
CA ALA A 163 13.59 14.53 -25.17
C ALA A 163 13.10 15.93 -24.78
N PHE A 164 11.78 16.09 -24.72
CA PHE A 164 11.23 17.43 -24.47
C PHE A 164 11.54 17.88 -23.06
N GLU A 165 11.33 17.00 -22.07
CA GLU A 165 11.61 17.39 -20.70
C GLU A 165 13.07 17.78 -20.54
N ALA A 166 13.97 17.08 -21.23
CA ALA A 166 15.37 17.44 -21.16
C ALA A 166 15.62 18.83 -21.75
N GLU A 167 14.96 19.17 -22.87
CA GLU A 167 15.18 20.47 -23.48
C GLU A 167 14.65 21.58 -22.58
N GLN A 168 13.52 21.34 -21.91
CA GLN A 168 13.01 22.30 -20.94
C GLN A 168 14.02 22.58 -19.84
N MET A 169 14.77 21.55 -19.43
CA MET A 169 15.72 21.65 -18.31
C MET A 169 17.09 22.14 -18.72
N GLY A 170 17.31 22.44 -19.99
CA GLY A 170 18.64 22.81 -20.41
C GLY A 170 19.62 21.67 -20.28
N LYS A 171 19.16 20.44 -20.44
CA LYS A 171 20.01 19.26 -20.48
C LYS A 171 19.78 18.53 -21.80
N SER A 172 20.71 17.65 -22.16
CA SER A 172 20.63 16.92 -23.42
C SER A 172 20.28 15.46 -23.18
N LEU A 173 19.46 14.90 -24.08
CA LEU A 173 19.14 13.49 -24.10
C LEU A 173 19.54 12.92 -25.44
N THR A 174 20.39 11.90 -25.44
CA THR A 174 20.80 11.24 -26.69
C THR A 174 20.42 9.77 -26.68
N VAL A 175 19.64 9.36 -27.68
CA VAL A 175 19.18 7.99 -27.83
C VAL A 175 20.14 7.31 -28.80
N ASN A 176 21.12 6.60 -28.24
CA ASN A 176 22.18 6.02 -29.05
C ASN A 176 21.61 5.06 -30.09
N PHE A 177 20.95 4.00 -29.63
CA PHE A 177 20.21 3.16 -30.54
C PHE A 177 18.75 3.14 -30.14
N PRO A 178 17.83 3.44 -31.05
CA PRO A 178 16.43 3.51 -30.70
C PRO A 178 15.82 2.13 -30.58
N PRO A 179 14.70 2.00 -29.91
CA PRO A 179 14.05 0.70 -29.83
C PRO A 179 13.50 0.30 -31.21
N GLY A 180 13.63 -0.99 -31.53
CA GLY A 180 13.12 -1.52 -32.78
C GLY A 180 11.77 -2.19 -32.60
N PRO A 181 11.18 -2.86 -33.81
CA PRO A 181 9.87 -3.53 -33.69
C PRO A 181 10.03 -4.90 -33.06
N TRP A 182 10.40 -4.90 -31.81
CA TRP A 182 10.76 -6.14 -31.14
C TRP A 182 9.62 -6.62 -30.23
N PRO A 183 9.28 -7.90 -30.34
CA PRO A 183 8.13 -8.44 -29.58
C PRO A 183 8.44 -8.60 -28.09
N LEU A 184 7.64 -7.93 -27.26
CA LEU A 184 7.60 -8.17 -25.83
C LEU A 184 6.24 -8.67 -25.41
N TYR A 185 6.18 -9.36 -24.27
CA TYR A 185 4.90 -9.72 -23.67
C TYR A 185 4.84 -9.23 -22.23
N GLY A 186 3.91 -8.33 -21.94
CA GLY A 186 3.74 -7.87 -20.59
C GLY A 186 2.71 -6.75 -20.48
N ASN A 187 2.83 -5.99 -19.40
CA ASN A 187 1.87 -4.95 -19.11
C ASN A 187 2.34 -3.64 -19.72
N PRO A 188 1.67 -3.11 -20.74
CA PRO A 188 2.21 -1.91 -21.40
C PRO A 188 2.28 -0.70 -20.50
N ASN A 189 1.29 -0.50 -19.63
CA ASN A 189 1.38 0.59 -18.66
C ASN A 189 2.59 0.39 -17.77
N ALA A 190 2.80 -0.85 -17.32
CA ALA A 190 3.88 -1.12 -16.38
C ALA A 190 5.23 -0.89 -17.02
N LEU A 191 5.42 -1.42 -18.24
CA LEU A 191 6.71 -1.32 -18.91
C LEU A 191 7.02 0.11 -19.31
N GLU A 192 6.10 0.77 -20.03
CA GLU A 192 6.16 2.21 -20.24
C GLU A 192 6.70 2.91 -19.00
N SER A 193 5.91 2.84 -17.92
CA SER A 193 6.24 3.56 -16.69
C SER A 193 7.61 3.19 -16.15
N ALA A 194 8.00 1.92 -16.28
CA ALA A 194 9.30 1.51 -15.75
C ALA A 194 10.44 2.27 -16.40
N LEU A 195 10.34 2.52 -17.72
CA LEU A 195 11.39 3.27 -18.41
C LEU A 195 11.30 4.75 -18.10
N GLU A 196 10.08 5.31 -18.16
CA GLU A 196 9.91 6.72 -17.88
C GLU A 196 10.57 7.10 -16.57
N ASN A 197 10.49 6.21 -15.57
CA ASN A 197 11.03 6.53 -14.25
C ASN A 197 12.55 6.46 -14.20
N ILE A 198 13.15 5.44 -14.82
CA ILE A 198 14.61 5.38 -14.97
C ILE A 198 15.11 6.70 -15.56
N VAL A 199 14.42 7.16 -16.61
CA VAL A 199 14.88 8.28 -17.40
C VAL A 199 14.54 9.60 -16.74
N ARG A 200 13.33 9.73 -16.20
CA ARG A 200 13.00 10.94 -15.46
C ARG A 200 13.95 11.10 -14.28
N ASN A 201 14.39 9.99 -13.68
CA ASN A 201 15.40 10.06 -12.63
C ASN A 201 16.73 10.56 -13.16
N ALA A 202 17.18 9.99 -14.30
CA ALA A 202 18.45 10.36 -14.88
C ALA A 202 18.45 11.83 -15.28
N LEU A 203 17.33 12.32 -15.81
CA LEU A 203 17.20 13.75 -16.04
C LEU A 203 17.43 14.54 -14.76
N ARG A 204 16.73 14.17 -13.67
CA ARG A 204 16.82 14.92 -12.43
C ARG A 204 18.26 14.91 -11.93
N TYR A 205 18.81 13.73 -11.66
CA TYR A 205 20.08 13.62 -10.93
C TYR A 205 21.30 13.81 -11.83
N SER A 206 21.12 14.13 -13.11
CA SER A 206 22.25 14.35 -14.01
C SER A 206 22.81 15.76 -13.85
N HIS A 207 24.06 15.92 -14.26
CA HIS A 207 24.65 17.25 -14.31
C HIS A 207 24.36 17.94 -15.64
N THR A 208 24.47 17.23 -16.77
CA THR A 208 24.25 17.87 -18.07
C THR A 208 23.58 16.99 -19.11
N LYS A 209 23.87 15.68 -19.14
CA LYS A 209 23.47 14.85 -20.27
C LYS A 209 22.95 13.49 -19.81
N ILE A 210 22.10 12.91 -20.64
CA ILE A 210 21.49 11.60 -20.42
C ILE A 210 21.60 10.80 -21.71
N GLU A 211 21.85 9.49 -21.58
CA GLU A 211 22.01 8.61 -22.72
C GLU A 211 21.18 7.34 -22.53
N VAL A 212 20.28 7.09 -23.48
CA VAL A 212 19.45 5.89 -23.52
C VAL A 212 19.93 5.03 -24.69
N GLY A 213 20.08 3.73 -24.44
CA GLY A 213 20.53 2.81 -25.47
C GLY A 213 19.83 1.46 -25.50
N PHE A 214 19.27 1.11 -26.66
CA PHE A 214 18.62 -0.17 -26.89
C PHE A 214 19.56 -1.13 -27.61
N ALA A 215 19.45 -2.41 -27.26
CA ALA A 215 20.19 -3.49 -27.90
C ALA A 215 19.33 -4.74 -27.98
N VAL A 216 19.26 -5.34 -29.16
CA VAL A 216 18.46 -6.56 -29.31
C VAL A 216 19.36 -7.69 -29.80
N ASP A 217 19.02 -8.90 -29.35
CA ASP A 217 19.61 -10.13 -29.87
C ASP A 217 18.52 -11.19 -29.76
N LYS A 218 18.89 -12.44 -30.07
CA LYS A 218 17.91 -13.53 -30.11
C LYS A 218 17.21 -13.72 -28.77
N ASP A 219 17.89 -13.42 -27.66
CA ASP A 219 17.32 -13.68 -26.36
C ASP A 219 16.47 -12.52 -25.81
N GLY A 220 16.81 -11.28 -26.10
CA GLY A 220 15.90 -10.19 -25.79
C GLY A 220 16.56 -8.83 -25.84
N ILE A 221 15.79 -7.85 -25.35
CA ILE A 221 16.10 -6.42 -25.39
C ILE A 221 16.90 -6.02 -24.15
N THR A 222 17.89 -5.15 -24.33
CA THR A 222 18.69 -4.62 -23.23
C THR A 222 18.70 -3.10 -23.34
N ILE A 223 18.02 -2.43 -22.39
CA ILE A 223 17.98 -0.97 -22.32
C ILE A 223 18.99 -0.49 -21.30
N THR A 224 19.75 0.54 -21.68
CA THR A 224 20.79 1.10 -20.82
C THR A 224 20.58 2.60 -20.75
N VAL A 225 20.46 3.12 -19.52
CA VAL A 225 20.29 4.54 -19.25
C VAL A 225 21.48 5.04 -18.43
N ASP A 226 22.07 6.18 -18.85
CA ASP A 226 23.26 6.77 -18.23
C ASP A 226 23.09 8.26 -18.02
N ASP A 227 23.61 8.75 -16.91
CA ASP A 227 23.64 10.18 -16.61
C ASP A 227 25.03 10.54 -16.12
N ASP A 228 25.41 11.80 -16.36
CA ASP A 228 26.68 12.35 -15.92
C ASP A 228 26.59 13.07 -14.58
N GLY A 229 25.58 12.76 -13.77
CA GLY A 229 25.47 13.31 -12.44
C GLY A 229 26.43 12.64 -11.47
N PRO A 230 26.19 12.79 -10.18
CA PRO A 230 26.98 12.06 -9.19
C PRO A 230 26.64 10.59 -9.24
N GLY A 231 27.56 9.79 -8.72
CA GLY A 231 27.36 8.37 -8.84
C GLY A 231 26.28 7.79 -7.95
N VAL A 232 26.50 6.54 -7.55
CA VAL A 232 25.85 5.92 -6.40
C VAL A 232 26.90 4.98 -5.83
N SER A 233 27.28 5.19 -4.57
CA SER A 233 28.40 4.45 -3.99
C SER A 233 28.21 2.95 -4.22
N PRO A 234 29.29 2.19 -4.41
CA PRO A 234 29.14 0.79 -4.80
C PRO A 234 28.33 -0.01 -3.83
N GLU A 235 28.23 0.46 -2.58
CA GLU A 235 27.41 -0.20 -1.59
C GLU A 235 25.94 0.14 -1.77
N ASP A 236 25.61 1.41 -2.03
CA ASP A 236 24.21 1.77 -2.30
C ASP A 236 23.73 1.28 -3.66
N ARG A 237 24.63 0.97 -4.59
CA ARG A 237 24.17 0.36 -5.83
C ARG A 237 23.42 -0.93 -5.51
N GLU A 238 23.75 -1.58 -4.41
CA GLU A 238 23.06 -2.80 -4.03
C GLU A 238 21.64 -2.51 -3.61
N GLN A 239 21.47 -1.53 -2.73
CA GLN A 239 20.21 -1.39 -2.04
C GLN A 239 19.32 -0.31 -2.64
N ILE A 240 19.58 0.15 -3.86
CA ILE A 240 18.69 1.20 -4.34
C ILE A 240 17.37 0.65 -4.84
N PHE A 241 17.30 -0.63 -5.12
CA PHE A 241 16.03 -1.19 -5.57
C PHE A 241 15.13 -1.60 -4.40
N ARG A 242 15.57 -1.39 -3.15
CA ARG A 242 14.77 -1.66 -1.97
C ARG A 242 13.71 -0.58 -1.77
N PRO A 243 12.56 -0.95 -1.22
CA PRO A 243 11.53 0.05 -0.92
C PRO A 243 12.02 1.00 0.16
N PHE A 244 11.64 2.27 -0.01
CA PHE A 244 11.95 3.37 0.90
C PHE A 244 13.44 3.71 0.97
N TYR A 245 14.28 3.09 0.15
CA TYR A 245 15.69 3.38 0.23
C TYR A 245 15.99 4.71 -0.47
N ARG A 246 16.88 5.48 0.14
CA ARG A 246 17.32 6.78 -0.36
C ARG A 246 18.77 6.95 0.02
N THR A 247 19.65 7.11 -0.96
CA THR A 247 21.04 7.40 -0.62
C THR A 247 21.09 8.69 0.17
N ASP A 248 22.00 8.74 1.13
CA ASP A 248 22.02 9.85 2.07
C ASP A 248 22.10 11.21 1.39
N GLU A 249 22.48 11.24 0.12
CA GLU A 249 22.65 12.49 -0.63
C GLU A 249 21.31 13.07 -1.06
N ALA A 250 20.48 12.28 -1.75
CA ALA A 250 19.10 12.71 -1.94
C ALA A 250 18.39 12.90 -0.61
N ARG A 251 18.85 12.21 0.44
CA ARG A 251 18.37 12.42 1.80
C ARG A 251 18.91 13.71 2.41
N ASP A 252 19.99 14.26 1.86
CA ASP A 252 20.47 15.56 2.33
C ASP A 252 19.63 16.70 1.74
N ARG A 253 19.53 16.75 0.42
CA ARG A 253 18.62 17.69 -0.24
C ARG A 253 17.19 17.46 0.21
N GLU A 254 16.80 16.20 0.36
CA GLU A 254 15.42 15.78 0.59
C GLU A 254 14.51 16.25 -0.54
N SER A 255 13.78 17.35 -0.31
CA SER A 255 12.72 17.79 -1.20
C SER A 255 11.75 16.63 -1.45
N GLY A 256 11.27 16.05 -0.35
CA GLY A 256 10.42 14.87 -0.44
C GLY A 256 11.19 13.65 -0.95
N GLY A 257 10.43 12.73 -1.55
CA GLY A 257 11.01 11.53 -2.13
C GLY A 257 10.63 10.26 -1.41
N THR A 258 9.83 9.41 -2.06
CA THR A 258 9.17 8.28 -1.39
C THR A 258 10.11 7.12 -1.13
N GLY A 259 11.17 6.96 -1.92
CA GLY A 259 11.98 5.78 -1.85
C GLY A 259 11.35 4.54 -2.45
N LEU A 260 10.22 4.66 -3.13
CA LEU A 260 9.50 3.49 -3.64
C LEU A 260 9.73 3.23 -5.12
N GLY A 261 10.06 4.26 -5.89
CA GLY A 261 9.99 4.17 -7.34
C GLY A 261 10.81 3.05 -7.93
N LEU A 262 12.09 2.96 -7.52
CA LEU A 262 12.96 1.95 -8.09
C LEU A 262 12.63 0.56 -7.59
N ALA A 263 12.00 0.46 -6.42
CA ALA A 263 11.52 -0.81 -5.92
C ALA A 263 10.37 -1.31 -6.78
N ILE A 264 9.48 -0.38 -7.18
CA ILE A 264 8.42 -0.72 -8.14
C ILE A 264 9.02 -1.27 -9.43
N VAL A 265 10.10 -0.64 -9.92
CA VAL A 265 10.67 -1.05 -11.21
C VAL A 265 11.21 -2.48 -11.13
N GLU A 266 12.07 -2.75 -10.14
CA GLU A 266 12.58 -4.11 -9.92
C GLU A 266 11.44 -5.13 -9.84
N THR A 267 10.47 -4.88 -8.96
CA THR A 267 9.36 -5.83 -8.87
C THR A 267 8.67 -5.97 -10.22
N ALA A 268 8.50 -4.87 -10.95
CA ALA A 268 7.78 -4.92 -12.22
C ALA A 268 8.54 -5.71 -13.27
N ILE A 269 9.85 -5.46 -13.37
CA ILE A 269 10.62 -6.15 -14.38
C ILE A 269 10.70 -7.65 -14.07
N GLN A 270 11.02 -7.99 -12.83
CA GLN A 270 11.09 -9.39 -12.47
C GLN A 270 9.80 -10.12 -12.82
N GLN A 271 8.67 -9.42 -12.76
CA GLN A 271 7.38 -9.99 -13.11
C GLN A 271 7.22 -10.16 -14.60
N HIS A 272 8.01 -9.41 -15.39
CA HIS A 272 8.08 -9.64 -16.83
C HIS A 272 9.16 -10.64 -17.23
N ARG A 273 9.80 -11.29 -16.26
CA ARG A 273 10.86 -12.29 -16.42
C ARG A 273 12.19 -11.67 -16.89
N GLY A 274 12.27 -10.34 -16.89
CA GLY A 274 13.51 -9.63 -17.10
C GLY A 274 14.23 -9.33 -15.79
N TRP A 275 15.24 -8.44 -15.88
CA TRP A 275 15.97 -8.00 -14.69
C TRP A 275 16.46 -6.57 -14.83
N VAL A 276 17.01 -6.06 -13.71
CA VAL A 276 17.60 -4.72 -13.63
C VAL A 276 18.89 -4.79 -12.84
N LYS A 277 19.89 -4.01 -13.27
CA LYS A 277 21.14 -3.86 -12.55
C LYS A 277 21.40 -2.36 -12.37
N ALA A 278 22.23 -2.02 -11.38
CA ALA A 278 22.66 -0.65 -11.14
C ALA A 278 24.19 -0.61 -11.15
N GLU A 279 24.77 0.03 -12.16
CA GLU A 279 26.21 0.00 -12.29
C GLU A 279 26.75 1.43 -12.32
N ASP A 280 28.07 1.51 -12.23
CA ASP A 280 28.76 2.78 -12.42
C ASP A 280 28.55 3.25 -13.85
N SER A 281 28.19 4.52 -14.03
CA SER A 281 28.08 4.83 -15.45
C SER A 281 29.41 5.35 -16.00
N PRO A 282 29.70 5.07 -17.27
CA PRO A 282 30.90 5.66 -17.86
C PRO A 282 30.76 7.16 -17.94
N LEU A 283 29.54 7.66 -18.11
CA LEU A 283 29.29 9.10 -18.18
C LEU A 283 29.63 9.83 -16.87
N GLY A 284 29.97 9.09 -15.82
CA GLY A 284 30.21 9.67 -14.52
C GLY A 284 29.23 9.22 -13.45
N GLY A 285 27.94 9.22 -13.78
CA GLY A 285 26.89 9.03 -12.79
C GLY A 285 26.34 7.63 -12.62
N LEU A 286 25.03 7.51 -12.71
CA LEU A 286 24.37 6.23 -12.52
C LEU A 286 24.06 5.62 -13.88
N ARG A 287 24.40 4.34 -14.05
CA ARG A 287 23.94 3.53 -15.15
C ARG A 287 22.86 2.57 -14.64
N LEU A 288 21.71 2.57 -15.30
CA LEU A 288 20.71 1.53 -15.10
C LEU A 288 20.59 0.69 -16.37
N VAL A 289 20.45 -0.61 -16.18
CA VAL A 289 20.28 -1.57 -17.28
C VAL A 289 19.01 -2.38 -17.00
N ILE A 290 18.12 -2.44 -17.99
CA ILE A 290 16.97 -3.32 -17.97
C ILE A 290 17.11 -4.31 -19.11
N TRP A 291 17.01 -5.60 -18.81
CA TRP A 291 16.85 -6.63 -19.83
C TRP A 291 15.45 -7.24 -19.75
N LEU A 292 14.92 -7.64 -20.91
CA LEU A 292 13.61 -8.25 -21.06
C LEU A 292 13.67 -9.27 -22.18
N PRO A 293 12.94 -10.37 -22.06
CA PRO A 293 12.99 -11.39 -23.12
C PRO A 293 12.06 -11.04 -24.28
N LEU A 294 12.46 -11.51 -25.46
CA LEU A 294 11.60 -11.46 -26.63
C LEU A 294 10.47 -12.48 -26.52
N TYR A 295 9.42 -12.27 -27.31
CA TYR A 295 8.27 -13.15 -27.29
C TYR A 295 8.06 -13.80 -28.65
N LYS A 296 7.55 -15.03 -28.64
CA LYS A 296 7.15 -15.77 -29.86
C LYS A 296 6.13 -16.91 -29.57
N GLN B 57 8.58 -24.43 -21.10
CA GLN B 57 9.63 -23.50 -21.47
C GLN B 57 9.18 -22.49 -22.55
N GLU B 58 7.92 -22.07 -22.50
CA GLU B 58 7.40 -21.12 -23.48
C GLU B 58 7.56 -19.67 -23.02
N PHE B 59 8.43 -19.43 -22.04
CA PHE B 59 8.31 -18.28 -21.13
C PHE B 59 9.46 -17.27 -21.22
N LEU B 60 10.69 -17.73 -21.31
CA LEU B 60 11.78 -16.92 -21.82
C LEU B 60 11.86 -17.12 -23.33
N ALA B 61 12.89 -16.55 -23.95
CA ALA B 61 13.11 -16.74 -25.38
C ALA B 61 13.58 -18.16 -25.69
N ALA B 62 13.67 -18.45 -26.99
CA ALA B 62 13.67 -19.81 -27.49
C ALA B 62 14.87 -20.65 -27.03
N GLY B 63 15.91 -20.04 -26.48
CA GLY B 63 17.05 -20.85 -26.09
C GLY B 63 17.65 -20.44 -24.78
N ALA B 64 16.99 -20.78 -23.68
CA ALA B 64 17.51 -20.50 -22.35
C ALA B 64 17.70 -21.81 -21.63
N SER B 65 18.71 -21.90 -20.77
CA SER B 65 18.97 -23.17 -20.11
C SER B 65 17.81 -23.52 -19.18
N PHE B 66 17.73 -24.79 -18.82
CA PHE B 66 16.66 -25.16 -17.92
C PHE B 66 16.80 -24.41 -16.59
N ASN B 67 18.02 -24.33 -16.05
CA ASN B 67 18.26 -23.53 -14.86
C ASN B 67 17.86 -22.09 -15.06
N GLN B 68 17.94 -21.60 -16.30
CA GLN B 68 17.59 -20.21 -16.56
C GLN B 68 16.08 -19.99 -16.46
N VAL B 69 15.30 -20.91 -17.01
CA VAL B 69 13.85 -20.77 -16.88
C VAL B 69 13.41 -20.98 -15.45
N VAL B 70 14.01 -21.96 -14.77
CA VAL B 70 13.69 -22.17 -13.37
C VAL B 70 13.83 -20.87 -12.60
N THR B 71 15.00 -20.23 -12.69
CA THR B 71 15.20 -18.99 -11.93
C THR B 71 14.32 -17.86 -12.46
N ALA B 72 14.10 -17.82 -13.78
CA ALA B 72 13.30 -16.74 -14.35
C ALA B 72 11.89 -16.72 -13.78
N LEU B 73 11.27 -17.91 -13.68
CA LEU B 73 9.94 -18.03 -13.09
C LEU B 73 9.97 -17.77 -11.59
N GLU B 74 10.96 -18.33 -10.89
CA GLU B 74 11.07 -18.10 -9.45
C GLU B 74 11.12 -16.62 -9.12
N ARG B 75 11.87 -15.83 -9.88
CA ARG B 75 11.79 -14.38 -9.67
C ARG B 75 10.40 -13.88 -10.00
N MET B 76 9.85 -14.30 -11.15
CA MET B 76 8.56 -13.79 -11.58
C MET B 76 7.48 -13.99 -10.52
N MET B 77 7.48 -15.12 -9.85
CA MET B 77 6.33 -15.45 -9.04
C MET B 77 6.50 -15.08 -7.58
N THR B 78 7.74 -14.84 -7.14
CA THR B 78 7.98 -14.40 -5.78
C THR B 78 8.16 -12.88 -5.69
N SER B 79 7.96 -12.16 -6.79
CA SER B 79 8.35 -10.75 -6.80
C SER B 79 7.43 -9.88 -5.92
N GLN B 80 6.10 -10.08 -5.99
CA GLN B 80 5.22 -9.27 -5.13
C GLN B 80 5.32 -9.70 -3.67
N GLN B 81 5.44 -11.01 -3.41
CA GLN B 81 5.63 -11.47 -2.03
C GLN B 81 6.87 -10.84 -1.41
N ARG B 82 7.96 -10.76 -2.18
CA ARG B 82 9.19 -10.20 -1.65
C ARG B 82 9.07 -8.70 -1.49
N LEU B 83 8.34 -8.02 -2.38
CA LEU B 83 8.15 -6.59 -2.20
C LEU B 83 7.41 -6.33 -0.91
N LEU B 84 6.30 -7.03 -0.69
CA LEU B 84 5.56 -6.88 0.55
C LEU B 84 6.43 -7.28 1.73
N SER B 85 7.03 -8.48 1.67
CA SER B 85 7.91 -8.93 2.75
C SER B 85 8.96 -7.88 3.12
N ASP B 86 9.43 -7.10 2.12
CA ASP B 86 10.44 -6.07 2.38
C ASP B 86 9.81 -4.78 2.88
N ILE B 87 8.74 -4.32 2.22
CA ILE B 87 7.92 -3.23 2.77
C ILE B 87 7.57 -3.50 4.25
N SER B 88 7.33 -4.75 4.58
CA SER B 88 7.05 -5.12 5.95
C SER B 88 8.29 -4.86 6.81
N NEP B 89 9.44 -5.39 6.39
CA NEP B 89 10.66 -5.25 7.17
C NEP B 89 10.97 -3.76 7.42
O NEP B 89 11.51 -3.32 8.46
CB NEP B 89 11.99 -5.90 6.69
CG NEP B 89 13.13 -5.69 7.63
ND1 NEP B 89 13.05 -5.94 9.03
CD2 NEP B 89 14.42 -5.24 7.32
CE1 NEP B 89 14.26 -5.64 9.53
NE2 NEP B 89 15.18 -5.20 8.53
P NEP B 89 16.73 -4.74 8.64
O1P NEP B 89 17.77 -5.77 8.57
O2P NEP B 89 16.89 -3.72 9.88
O3P NEP B 89 17.07 -3.59 7.57
N GLU B 90 10.60 -2.95 6.45
CA GLU B 90 11.01 -1.55 6.50
C GLU B 90 10.17 -0.73 7.46
N LEU B 91 8.87 -1.02 7.51
CA LEU B 91 8.00 -0.40 8.50
C LEU B 91 8.39 -0.79 9.91
N ARG B 92 8.82 -2.04 10.09
CA ARG B 92 9.16 -2.55 11.42
C ARG B 92 10.22 -1.69 12.10
N THR B 93 11.31 -1.36 11.40
CA THR B 93 12.45 -0.77 12.14
C THR B 93 12.17 0.61 12.72
N PRO B 94 11.41 1.51 12.06
CA PRO B 94 11.06 2.77 12.74
C PRO B 94 10.08 2.61 13.87
N LEU B 95 9.16 1.65 13.75
CA LEU B 95 8.31 1.29 14.87
C LEU B 95 9.14 0.79 16.04
N THR B 96 10.10 -0.09 15.77
CA THR B 96 10.99 -0.60 16.81
C THR B 96 11.70 0.54 17.53
N ARG B 97 12.12 1.56 16.79
CA ARG B 97 12.68 2.75 17.41
C ARG B 97 11.64 3.44 18.27
N LEU B 98 10.46 3.73 17.68
CA LEU B 98 9.36 4.34 18.42
C LEU B 98 9.04 3.57 19.70
N GLN B 99 9.16 2.26 19.67
CA GLN B 99 8.92 1.51 20.89
C GLN B 99 10.07 1.67 21.89
N LEU B 100 11.31 1.74 21.41
CA LEU B 100 12.41 1.95 22.35
C LEU B 100 12.28 3.30 23.03
N GLY B 101 11.77 4.30 22.31
CA GLY B 101 11.60 5.60 22.91
C GLY B 101 10.62 5.56 24.05
N THR B 102 9.49 4.88 23.83
CA THR B 102 8.50 4.76 24.90
C THR B 102 9.06 3.97 26.08
N ALA B 103 9.80 2.90 25.81
CA ALA B 103 10.47 2.19 26.89
C ALA B 103 11.32 3.15 27.69
N LEU B 104 12.13 3.96 27.00
CA LEU B 104 13.05 4.88 27.67
C LEU B 104 12.31 5.97 28.42
N LEU B 105 11.12 6.37 27.94
CA LEU B 105 10.28 7.27 28.71
C LEU B 105 9.76 6.61 29.99
N ARG B 106 9.15 5.42 29.89
CA ARG B 106 8.68 4.72 31.08
C ARG B 106 9.80 4.48 32.08
N ARG B 107 11.05 4.39 31.60
CA ARG B 107 12.18 4.21 32.49
C ARG B 107 12.49 5.51 33.26
N ARG B 108 12.15 6.64 32.66
CA ARG B 108 12.50 7.94 33.22
C ARG B 108 11.30 8.53 33.94
N SER B 109 10.31 9.00 33.18
CA SER B 109 9.09 9.59 33.72
C SER B 109 8.13 8.56 34.33
N GLY B 110 8.41 7.27 34.18
CA GLY B 110 7.55 6.25 34.73
C GLY B 110 6.18 6.14 34.07
N GLU B 111 5.35 5.26 34.63
CA GLU B 111 4.01 4.97 34.13
C GLU B 111 3.18 6.22 33.91
N SER B 112 2.23 6.14 32.98
CA SER B 112 1.46 7.29 32.54
C SER B 112 0.34 6.82 31.60
N LYS B 113 -0.89 7.30 31.83
CA LYS B 113 -2.02 6.88 31.01
C LYS B 113 -1.79 7.21 29.55
N GLU B 114 -1.27 8.42 29.27
CA GLU B 114 -0.89 8.80 27.92
C GLU B 114 0.18 7.87 27.37
N LEU B 115 1.21 7.59 28.19
CA LEU B 115 2.27 6.69 27.77
C LEU B 115 1.71 5.32 27.42
N GLU B 116 0.98 4.71 28.35
CA GLU B 116 0.38 3.41 28.10
C GLU B 116 -0.43 3.39 26.82
N ARG B 117 -1.06 4.52 26.48
CA ARG B 117 -1.81 4.60 25.22
C ARG B 117 -0.88 4.47 24.04
N ILE B 118 0.15 5.32 23.99
CA ILE B 118 1.18 5.18 22.96
C ILE B 118 1.72 3.77 22.96
N GLU B 119 2.01 3.24 24.17
CA GLU B 119 2.65 1.94 24.30
C GLU B 119 1.82 0.83 23.65
N THR B 120 0.49 0.92 23.75
CA THR B 120 -0.31 -0.14 23.15
C THR B 120 -0.68 0.16 21.70
N GLU B 121 -0.90 1.42 21.33
CA GLU B 121 -1.19 1.69 19.92
C GLU B 121 0.03 1.36 19.07
N ALA B 122 1.22 1.47 19.66
CA ALA B 122 2.42 0.86 19.09
C ALA B 122 2.19 -0.61 18.80
N GLN B 123 1.82 -1.37 19.84
CA GLN B 123 1.63 -2.82 19.72
C GLN B 123 0.63 -3.19 18.64
N ARG B 124 -0.41 -2.38 18.44
CA ARG B 124 -1.32 -2.65 17.35
C ARG B 124 -0.59 -2.58 16.01
N LEU B 125 0.23 -1.53 15.84
CA LEU B 125 1.03 -1.37 14.63
C LEU B 125 1.96 -2.55 14.43
N ASP B 126 2.66 -2.98 15.50
CA ASP B 126 3.57 -4.12 15.39
C ASP B 126 2.82 -5.37 14.95
N SER B 127 1.61 -5.59 15.46
CA SER B 127 0.86 -6.77 15.08
C SER B 127 0.53 -6.77 13.58
N MET B 128 0.12 -5.61 13.05
CA MET B 128 -0.36 -5.59 11.66
C MET B 128 0.81 -5.70 10.69
N ILE B 129 1.94 -5.10 11.02
CA ILE B 129 3.17 -5.32 10.26
C ILE B 129 3.50 -6.80 10.19
N ASN B 130 3.26 -7.54 11.27
CA ASN B 130 3.47 -8.98 11.24
C ASN B 130 2.41 -9.70 10.40
N ASP B 131 1.25 -9.09 10.16
CA ASP B 131 0.25 -9.71 9.30
C ASP B 131 0.67 -9.59 7.83
N LEU B 132 1.19 -8.44 7.44
CA LEU B 132 1.72 -8.29 6.10
C LEU B 132 2.80 -9.32 5.81
N LEU B 133 3.80 -9.43 6.69
CA LEU B 133 4.88 -10.40 6.50
C LEU B 133 4.36 -11.83 6.45
N VAL B 134 3.16 -12.08 6.96
CA VAL B 134 2.59 -13.42 6.87
C VAL B 134 1.86 -13.60 5.55
N MET B 135 0.78 -12.85 5.33
CA MET B 135 -0.12 -13.12 4.21
C MET B 135 0.43 -12.68 2.85
N SER B 136 1.60 -12.05 2.83
CA SER B 136 2.29 -11.83 1.57
C SER B 136 2.69 -13.15 0.95
N ARG B 137 3.39 -14.01 1.70
CA ARG B 137 3.94 -15.27 1.20
C ARG B 137 2.94 -16.44 1.22
N ASN B 138 1.64 -16.16 1.43
CA ASN B 138 0.59 -17.16 1.71
C ASN B 138 -0.53 -17.20 0.68
N GLN B 139 -1.11 -16.04 0.32
CA GLN B 139 -2.07 -15.93 -0.78
C GLN B 139 -3.49 -16.34 -0.36
N LEU B 144 -7.08 -18.55 3.29
CA LEU B 144 -7.95 -17.75 4.16
C LEU B 144 -8.07 -18.36 5.57
N VAL B 145 -8.29 -17.52 6.58
CA VAL B 145 -8.16 -17.89 8.00
C VAL B 145 -9.39 -17.43 8.77
N SER B 146 -9.93 -18.31 9.63
CA SER B 146 -11.15 -18.00 10.37
C SER B 146 -11.20 -18.79 11.68
N GLU B 147 -11.87 -18.22 12.68
CA GLU B 147 -12.02 -18.85 13.99
C GLU B 147 -13.29 -18.33 14.67
N THR B 148 -13.62 -18.93 15.83
CA THR B 148 -14.84 -18.58 16.55
C THR B 148 -14.55 -17.49 17.58
N ILE B 149 -15.51 -16.57 17.74
CA ILE B 149 -15.30 -15.42 18.61
C ILE B 149 -16.65 -14.94 19.13
N LYS B 150 -16.64 -14.46 20.38
CA LYS B 150 -17.82 -13.79 20.95
C LYS B 150 -17.81 -12.31 20.58
N ALA B 151 -19.02 -11.74 20.45
CA ALA B 151 -19.13 -10.39 19.89
C ALA B 151 -18.58 -9.34 20.84
N ASN B 152 -18.87 -9.45 22.14
CA ASN B 152 -18.25 -8.57 23.11
C ASN B 152 -16.72 -8.64 23.04
N GLN B 153 -16.14 -9.86 23.07
CA GLN B 153 -14.69 -9.99 22.90
C GLN B 153 -14.24 -9.31 21.62
N LEU B 154 -15.01 -9.48 20.55
CA LEU B 154 -14.64 -8.96 19.23
C LEU B 154 -14.54 -7.44 19.24
N TRP B 155 -15.63 -6.77 19.56
CA TRP B 155 -15.71 -5.34 19.26
C TRP B 155 -15.61 -4.43 20.46
N SER B 156 -15.49 -4.95 21.68
CA SER B 156 -15.45 -4.06 22.83
C SER B 156 -14.29 -3.09 22.69
N GLU B 157 -13.08 -3.62 22.49
CA GLU B 157 -11.90 -2.76 22.40
C GLU B 157 -12.06 -1.73 21.28
N VAL B 158 -12.65 -2.13 20.16
CA VAL B 158 -12.91 -1.20 19.08
C VAL B 158 -13.73 -0.03 19.56
N LEU B 159 -14.74 -0.29 20.38
CA LEU B 159 -15.63 0.76 20.87
C LEU B 159 -14.94 1.64 21.91
N ASP B 160 -14.25 1.03 22.88
CA ASP B 160 -13.52 1.82 23.86
C ASP B 160 -12.58 2.81 23.19
N ASN B 161 -11.89 2.37 22.15
CA ASN B 161 -11.05 3.30 21.42
C ASN B 161 -11.89 4.38 20.77
N ALA B 162 -12.97 3.98 20.06
CA ALA B 162 -13.90 4.96 19.49
C ALA B 162 -14.28 6.01 20.50
N ALA B 163 -14.34 5.62 21.77
CA ALA B 163 -14.69 6.53 22.84
C ALA B 163 -13.57 7.52 23.09
N PHE B 164 -12.37 6.99 23.39
CA PHE B 164 -11.20 7.83 23.63
C PHE B 164 -11.00 8.84 22.51
N GLU B 165 -11.23 8.41 21.27
CA GLU B 165 -11.00 9.29 20.14
C GLU B 165 -12.13 10.30 20.00
N ALA B 166 -13.37 9.86 20.22
CA ALA B 166 -14.49 10.79 20.24
C ALA B 166 -14.30 11.87 21.30
N GLU B 167 -13.66 11.54 22.42
CA GLU B 167 -13.48 12.54 23.46
C GLU B 167 -12.46 13.58 23.01
N GLN B 168 -11.38 13.11 22.39
CA GLN B 168 -10.39 14.01 21.83
C GLN B 168 -10.99 14.93 20.79
N MET B 169 -11.94 14.41 19.99
CA MET B 169 -12.64 15.24 19.04
C MET B 169 -13.60 16.22 19.69
N GLY B 170 -13.86 16.07 20.99
CA GLY B 170 -14.92 16.84 21.61
C GLY B 170 -16.27 16.53 20.99
N LYS B 171 -16.60 15.24 20.87
CA LYS B 171 -17.89 14.79 20.33
C LYS B 171 -18.47 13.70 21.22
N SER B 172 -19.79 13.62 21.24
CA SER B 172 -20.49 12.66 22.10
C SER B 172 -20.66 11.34 21.38
N LEU B 173 -20.10 10.27 21.94
CA LEU B 173 -20.28 8.92 21.42
C LEU B 173 -21.02 8.09 22.43
N THR B 174 -22.21 7.61 22.04
CA THR B 174 -23.10 6.83 22.88
C THR B 174 -23.39 5.46 22.30
N VAL B 175 -23.35 4.44 23.15
CA VAL B 175 -23.61 3.06 22.75
C VAL B 175 -24.96 2.64 23.36
N ASN B 176 -26.03 2.77 22.57
CA ASN B 176 -27.38 2.50 23.04
C ASN B 176 -27.49 1.12 23.69
N PHE B 177 -26.93 0.10 23.04
CA PHE B 177 -26.91 -1.27 23.56
C PHE B 177 -25.59 -1.87 23.12
N PRO B 178 -24.91 -2.59 24.00
CA PRO B 178 -23.55 -3.08 23.71
C PRO B 178 -23.54 -4.52 23.20
N PRO B 179 -22.47 -4.93 22.53
CA PRO B 179 -22.36 -6.32 22.10
C PRO B 179 -22.33 -7.29 23.28
N GLY B 180 -23.12 -8.36 23.17
CA GLY B 180 -23.12 -9.44 24.14
C GLY B 180 -22.26 -10.62 23.73
N PRO B 181 -22.26 -11.81 24.63
CA PRO B 181 -21.41 -12.97 24.30
C PRO B 181 -22.05 -13.79 23.19
N TRP B 182 -22.07 -13.27 22.14
CA TRP B 182 -22.77 -13.80 20.99
C TRP B 182 -21.78 -14.46 20.05
N PRO B 183 -22.14 -15.67 19.59
CA PRO B 183 -21.21 -16.50 18.80
C PRO B 183 -21.08 -16.02 17.36
N LEU B 184 -19.87 -15.67 16.96
CA LEU B 184 -19.56 -15.52 15.55
C LEU B 184 -18.42 -16.48 15.18
N TYR B 185 -18.32 -16.76 13.88
CA TYR B 185 -17.18 -17.52 13.37
C TYR B 185 -16.64 -16.82 12.13
N GLY B 186 -15.38 -16.39 12.20
CA GLY B 186 -14.80 -15.73 11.06
C GLY B 186 -13.38 -15.27 11.29
N ASN B 187 -13.04 -14.11 10.75
CA ASN B 187 -11.75 -13.52 10.97
C ASN B 187 -11.91 -12.42 12.01
N PRO B 188 -11.30 -12.55 13.20
CA PRO B 188 -11.38 -11.44 14.17
C PRO B 188 -10.93 -10.11 13.60
N ASN B 189 -9.75 -10.07 12.97
CA ASN B 189 -9.24 -8.79 12.49
C ASN B 189 -10.20 -8.14 11.51
N ALA B 190 -10.73 -8.93 10.57
CA ALA B 190 -11.58 -8.35 9.54
C ALA B 190 -12.81 -7.70 10.15
N LEU B 191 -13.45 -8.39 11.08
CA LEU B 191 -14.70 -7.89 11.62
C LEU B 191 -14.48 -6.64 12.45
N GLU B 192 -13.42 -6.63 13.30
CA GLU B 192 -13.05 -5.40 14.00
C GLU B 192 -12.92 -4.24 13.02
N SER B 193 -12.19 -4.46 11.94
CA SER B 193 -11.97 -3.41 10.94
C SER B 193 -13.30 -2.92 10.37
N ALA B 194 -14.25 -3.84 10.17
CA ALA B 194 -15.55 -3.47 9.63
C ALA B 194 -16.27 -2.51 10.56
N LEU B 195 -16.32 -2.85 11.85
CA LEU B 195 -17.00 -2.01 12.82
C LEU B 195 -16.27 -0.69 12.99
N GLU B 196 -14.95 -0.76 13.19
CA GLU B 196 -14.17 0.45 13.46
C GLU B 196 -14.35 1.47 12.35
N ASN B 197 -14.44 1.02 11.10
CA ASN B 197 -14.46 1.96 9.99
C ASN B 197 -15.76 2.74 9.91
N ILE B 198 -16.90 2.07 10.11
CA ILE B 198 -18.15 2.80 9.99
C ILE B 198 -18.34 3.70 11.20
N VAL B 199 -17.81 3.27 12.36
CA VAL B 199 -17.86 4.09 13.57
C VAL B 199 -17.03 5.34 13.41
N ARG B 200 -15.82 5.19 12.88
CA ARG B 200 -14.94 6.36 12.82
C ARG B 200 -15.32 7.26 11.66
N ASN B 201 -15.83 6.69 10.56
CA ASN B 201 -16.56 7.50 9.60
C ASN B 201 -17.56 8.40 10.30
N ALA B 202 -18.36 7.81 11.21
CA ALA B 202 -19.35 8.58 11.94
C ALA B 202 -18.68 9.57 12.89
N LEU B 203 -17.64 9.14 13.62
CA LEU B 203 -16.87 10.07 14.46
C LEU B 203 -16.50 11.33 13.69
N ARG B 204 -15.95 11.16 12.49
CA ARG B 204 -15.48 12.26 11.66
C ARG B 204 -16.63 13.03 11.03
N TYR B 205 -17.37 12.41 10.13
CA TYR B 205 -18.31 13.15 9.30
C TYR B 205 -19.51 13.66 10.09
N SER B 206 -19.42 13.65 11.41
CA SER B 206 -20.52 14.09 12.26
C SER B 206 -20.31 15.52 12.73
N HIS B 207 -21.40 16.13 13.20
CA HIS B 207 -21.29 17.43 13.86
C HIS B 207 -20.95 17.26 15.33
N THR B 208 -21.75 16.48 16.08
CA THR B 208 -21.57 16.35 17.53
C THR B 208 -21.87 14.96 18.11
N LYS B 209 -23.04 14.40 17.79
CA LYS B 209 -23.46 13.12 18.34
C LYS B 209 -22.98 11.98 17.45
N ILE B 210 -22.70 10.82 18.08
CA ILE B 210 -22.50 9.54 17.38
C ILE B 210 -23.13 8.46 18.24
N GLU B 211 -23.97 7.62 17.62
CA GLU B 211 -24.67 6.56 18.33
C GLU B 211 -24.42 5.20 17.71
N VAL B 212 -24.28 4.19 18.58
CA VAL B 212 -23.98 2.81 18.18
C VAL B 212 -24.89 1.87 18.95
N GLY B 213 -25.62 1.03 18.25
CA GLY B 213 -26.47 0.04 18.89
C GLY B 213 -26.32 -1.36 18.34
N PHE B 214 -26.22 -2.32 19.25
CA PHE B 214 -26.21 -3.73 18.88
C PHE B 214 -27.58 -4.35 19.13
N ALA B 215 -27.89 -5.38 18.34
CA ALA B 215 -29.15 -6.11 18.43
C ALA B 215 -28.91 -7.56 18.05
N VAL B 216 -29.44 -8.49 18.85
CA VAL B 216 -29.26 -9.91 18.54
C VAL B 216 -30.61 -10.61 18.52
N ASP B 217 -30.68 -11.67 17.71
CA ASP B 217 -31.80 -12.60 17.66
C ASP B 217 -31.25 -13.96 17.23
N LYS B 218 -32.14 -14.95 17.09
CA LYS B 218 -31.68 -16.28 16.71
C LYS B 218 -30.83 -16.25 15.44
N ASP B 219 -31.09 -15.31 14.53
CA ASP B 219 -30.38 -15.31 13.25
C ASP B 219 -29.05 -14.52 13.29
N GLY B 220 -28.95 -13.41 14.01
CA GLY B 220 -27.63 -12.83 14.18
C GLY B 220 -27.69 -11.39 14.64
N ILE B 221 -26.50 -10.79 14.60
CA ILE B 221 -26.20 -9.50 15.22
C ILE B 221 -26.43 -8.39 14.19
N THR B 222 -27.02 -7.28 14.64
CA THR B 222 -27.29 -6.14 13.77
C THR B 222 -26.73 -4.89 14.42
N ILE B 223 -25.64 -4.35 13.84
CA ILE B 223 -24.99 -3.14 14.35
C ILE B 223 -25.46 -1.94 13.54
N THR B 224 -25.83 -0.88 14.26
CA THR B 224 -26.43 0.35 13.74
C THR B 224 -25.69 1.57 14.28
N VAL B 225 -25.02 2.30 13.38
CA VAL B 225 -24.20 3.46 13.72
C VAL B 225 -24.84 4.70 13.11
N ASP B 226 -25.03 5.74 13.95
CA ASP B 226 -25.74 6.98 13.60
C ASP B 226 -24.88 8.19 13.92
N ASP B 227 -25.02 9.22 13.08
CA ASP B 227 -24.33 10.48 13.28
C ASP B 227 -25.24 11.63 12.87
N ASP B 228 -24.93 12.82 13.37
CA ASP B 228 -25.69 14.02 13.02
C ASP B 228 -24.96 14.89 12.00
N GLY B 229 -24.06 14.31 11.23
CA GLY B 229 -23.34 15.05 10.22
C GLY B 229 -24.20 15.30 9.00
N PRO B 230 -23.60 15.75 7.89
CA PRO B 230 -24.36 15.82 6.64
C PRO B 230 -24.69 14.41 6.21
N GLY B 231 -25.81 14.29 5.50
CA GLY B 231 -26.19 12.98 5.04
C GLY B 231 -25.27 12.51 3.94
N VAL B 232 -25.68 11.41 3.32
CA VAL B 232 -25.22 11.07 1.99
C VAL B 232 -26.47 10.97 1.13
N SER B 233 -26.57 11.84 0.14
CA SER B 233 -27.66 11.85 -0.82
C SER B 233 -27.99 10.43 -1.25
N PRO B 234 -29.26 10.13 -1.52
CA PRO B 234 -29.63 8.74 -1.86
C PRO B 234 -28.81 8.14 -2.98
N GLU B 235 -28.50 8.93 -4.03
CA GLU B 235 -27.77 8.39 -5.18
C GLU B 235 -26.38 7.95 -4.78
N ASP B 236 -25.63 8.84 -4.13
CA ASP B 236 -24.29 8.49 -3.67
C ASP B 236 -24.31 7.32 -2.69
N ARG B 237 -25.45 7.05 -2.06
CA ARG B 237 -25.47 6.07 -0.97
C ARG B 237 -25.19 4.65 -1.43
N GLU B 238 -25.36 4.35 -2.71
CA GLU B 238 -24.97 3.03 -3.19
C GLU B 238 -23.48 2.98 -3.48
N GLN B 239 -22.97 3.97 -4.20
CA GLN B 239 -21.61 3.93 -4.70
C GLN B 239 -20.57 4.16 -3.62
N ILE B 240 -20.95 4.52 -2.40
CA ILE B 240 -19.93 4.85 -1.41
C ILE B 240 -19.26 3.62 -0.82
N PHE B 241 -19.72 2.42 -1.16
CA PHE B 241 -19.02 1.21 -0.75
C PHE B 241 -18.02 0.72 -1.79
N ARG B 242 -17.88 1.43 -2.88
CA ARG B 242 -16.94 1.10 -3.94
C ARG B 242 -15.60 1.78 -3.65
N PRO B 243 -14.50 1.08 -3.96
CA PRO B 243 -13.16 1.57 -3.60
C PRO B 243 -12.82 2.93 -4.19
N PHE B 244 -12.01 3.66 -3.43
CA PHE B 244 -11.46 4.97 -3.79
C PHE B 244 -12.55 6.00 -4.12
N TYR B 245 -13.82 5.68 -3.85
CA TYR B 245 -14.90 6.62 -4.10
C TYR B 245 -15.11 7.53 -2.90
N ARG B 246 -15.33 8.81 -3.19
CA ARG B 246 -15.73 9.80 -2.21
C ARG B 246 -16.83 10.66 -2.82
N THR B 247 -17.87 10.94 -2.02
CA THR B 247 -18.92 11.86 -2.44
C THR B 247 -18.30 13.17 -2.92
N ASP B 248 -18.94 13.80 -3.91
CA ASP B 248 -18.48 15.11 -4.34
C ASP B 248 -18.39 16.06 -3.16
N GLU B 249 -19.29 15.92 -2.19
CA GLU B 249 -19.29 16.79 -1.03
C GLU B 249 -18.07 16.58 -0.14
N ALA B 250 -17.50 15.38 -0.14
CA ALA B 250 -16.42 15.06 0.80
C ALA B 250 -15.03 15.38 0.28
N ARG B 251 -14.79 15.21 -1.02
CA ARG B 251 -13.52 15.67 -1.57
C ARG B 251 -13.44 17.19 -1.55
N ASP B 252 -14.61 17.85 -1.62
CA ASP B 252 -14.67 19.29 -1.41
C ASP B 252 -14.38 19.64 0.05
N ARG B 253 -14.93 18.85 0.97
CA ARG B 253 -14.61 19.00 2.39
C ARG B 253 -13.11 19.05 2.60
N GLU B 254 -12.70 19.78 3.65
CA GLU B 254 -11.29 19.83 4.00
C GLU B 254 -10.76 18.46 4.36
N SER B 255 -11.64 17.57 4.81
CA SER B 255 -11.33 16.16 4.94
C SER B 255 -10.65 15.64 3.67
N GLY B 256 -9.52 14.94 3.84
CA GLY B 256 -8.88 14.23 2.75
C GLY B 256 -8.67 12.78 3.14
N GLY B 257 -8.68 11.89 2.15
CA GLY B 257 -8.41 10.49 2.40
C GLY B 257 -8.92 9.58 1.31
N THR B 258 -8.30 8.41 1.22
CA THR B 258 -8.63 7.43 0.19
C THR B 258 -10.02 6.87 0.38
N GLY B 259 -10.75 6.70 -0.71
CA GLY B 259 -12.11 6.18 -0.57
C GLY B 259 -12.19 4.71 -0.22
N LEU B 260 -11.24 4.17 0.56
CA LEU B 260 -11.13 2.74 0.81
C LEU B 260 -11.96 2.21 1.97
N GLY B 261 -12.40 3.07 2.89
CA GLY B 261 -12.99 2.64 4.13
C GLY B 261 -14.17 1.71 3.93
N LEU B 262 -15.27 2.27 3.44
CA LEU B 262 -16.48 1.45 3.27
C LEU B 262 -16.23 0.26 2.35
N ALA B 263 -15.27 0.38 1.42
CA ALA B 263 -14.96 -0.76 0.57
C ALA B 263 -14.37 -1.90 1.38
N ILE B 264 -13.47 -1.59 2.32
CA ILE B 264 -13.00 -2.62 3.23
C ILE B 264 -14.15 -3.19 4.04
N VAL B 265 -15.11 -2.36 4.44
CA VAL B 265 -16.24 -2.85 5.22
C VAL B 265 -17.04 -3.86 4.42
N GLU B 266 -17.45 -3.49 3.20
CA GLU B 266 -18.29 -4.38 2.40
C GLU B 266 -17.61 -5.73 2.17
N THR B 267 -16.31 -5.74 1.87
CA THR B 267 -15.72 -7.05 1.59
C THR B 267 -15.53 -7.87 2.86
N ALA B 268 -15.45 -7.24 4.03
CA ALA B 268 -15.33 -8.05 5.24
C ALA B 268 -16.69 -8.63 5.64
N ILE B 269 -17.75 -7.85 5.46
CA ILE B 269 -19.07 -8.33 5.84
C ILE B 269 -19.58 -9.33 4.82
N GLN B 270 -19.34 -9.07 3.53
CA GLN B 270 -19.80 -10.02 2.53
C GLN B 270 -19.07 -11.34 2.64
N GLN B 271 -17.79 -11.33 3.02
CA GLN B 271 -17.08 -12.58 3.24
C GLN B 271 -17.52 -13.32 4.51
N HIS B 272 -18.36 -12.73 5.35
CA HIS B 272 -18.95 -13.47 6.46
C HIS B 272 -20.44 -13.69 6.27
N ARG B 273 -20.92 -13.59 5.03
CA ARG B 273 -22.29 -13.88 4.65
C ARG B 273 -23.26 -12.85 5.19
N GLY B 274 -22.75 -11.67 5.52
CA GLY B 274 -23.54 -10.57 6.05
C GLY B 274 -23.85 -9.52 5.01
N TRP B 275 -24.28 -8.36 5.47
CA TRP B 275 -24.61 -7.26 4.56
C TRP B 275 -24.42 -5.92 5.24
N VAL B 276 -24.39 -4.86 4.42
CA VAL B 276 -24.25 -3.48 4.89
C VAL B 276 -25.18 -2.58 4.10
N LYS B 277 -25.75 -1.60 4.77
CA LYS B 277 -26.61 -0.60 4.17
C LYS B 277 -26.13 0.78 4.60
N ALA B 278 -26.33 1.76 3.76
CA ALA B 278 -26.29 3.15 4.19
C ALA B 278 -27.69 3.72 4.04
N GLU B 279 -28.16 4.42 5.06
CA GLU B 279 -29.55 4.87 5.15
C GLU B 279 -29.60 6.26 5.76
N ASP B 280 -30.80 6.85 5.70
CA ASP B 280 -31.13 8.03 6.49
C ASP B 280 -30.94 7.72 7.98
N SER B 281 -30.45 8.72 8.74
CA SER B 281 -30.30 8.48 10.17
C SER B 281 -31.26 9.37 10.96
N PRO B 282 -31.99 8.78 11.91
CA PRO B 282 -32.80 9.57 12.84
C PRO B 282 -32.07 10.74 13.46
N LEU B 283 -30.74 10.65 13.56
CA LEU B 283 -29.91 11.71 14.12
C LEU B 283 -29.70 12.87 13.17
N GLY B 284 -30.09 12.71 11.90
CA GLY B 284 -29.98 13.75 10.90
C GLY B 284 -28.89 13.51 9.89
N GLY B 285 -27.88 12.71 10.22
CA GLY B 285 -26.80 12.44 9.30
C GLY B 285 -26.95 11.17 8.50
N LEU B 286 -26.03 10.24 8.71
CA LEU B 286 -26.02 9.00 7.97
C LEU B 286 -26.07 7.82 8.93
N ARG B 287 -26.90 6.84 8.59
CA ARG B 287 -26.98 5.60 9.33
C ARG B 287 -26.29 4.49 8.55
N LEU B 288 -25.46 3.72 9.25
CA LEU B 288 -24.76 2.57 8.68
C LEU B 288 -25.18 1.34 9.48
N VAL B 289 -25.73 0.35 8.78
CA VAL B 289 -26.18 -0.88 9.43
C VAL B 289 -25.37 -2.07 8.91
N ILE B 290 -24.73 -2.78 9.82
CA ILE B 290 -24.09 -4.05 9.54
C ILE B 290 -24.99 -5.16 10.05
N TRP B 291 -25.05 -6.26 9.31
CA TRP B 291 -25.69 -7.47 9.80
C TRP B 291 -24.79 -8.67 9.53
N LEU B 292 -24.44 -9.39 10.59
CA LEU B 292 -23.71 -10.65 10.53
C LEU B 292 -24.60 -11.79 11.03
N PRO B 293 -24.29 -13.01 10.66
CA PRO B 293 -25.05 -14.16 11.19
C PRO B 293 -24.33 -14.86 12.34
N LEU B 294 -25.09 -15.47 13.26
CA LEU B 294 -24.51 -16.22 14.36
C LEU B 294 -23.90 -17.54 13.87
N TYR B 295 -23.30 -18.29 14.79
CA TYR B 295 -22.64 -19.55 14.46
C TYR B 295 -23.28 -20.71 15.25
N LYS B 296 -23.48 -21.85 14.55
CA LYS B 296 -24.08 -23.09 15.10
C LYS B 296 -23.32 -23.76 16.26
S SO4 C . 24.85 -17.95 -27.34
O1 SO4 C . 24.80 -16.81 -28.27
O2 SO4 C . 23.88 -17.71 -26.26
O3 SO4 C . 24.46 -19.19 -27.99
O4 SO4 C . 26.20 -18.11 -26.80
S SO4 D . 29.16 1.08 -22.94
O1 SO4 D . 28.05 1.93 -22.54
O2 SO4 D . 29.13 1.05 -24.39
O3 SO4 D . 29.07 -0.28 -22.42
O4 SO4 D . 30.39 1.69 -22.43
PG ATP E . 10.27 8.60 -5.90
O1G ATP E . 9.81 10.03 -5.69
O2G ATP E . 9.25 7.54 -5.53
O3G ATP E . 10.93 8.34 -7.22
PB ATP E . 13.00 8.29 -5.14
O1B ATP E . 13.35 8.81 -6.51
O2B ATP E . 13.70 8.91 -3.97
O3B ATP E . 11.43 8.41 -4.81
PA ATP E . 13.93 5.71 -6.13
O1A ATP E . 13.45 6.17 -7.48
O2A ATP E . 13.83 4.29 -5.61
O3A ATP E . 13.22 6.69 -5.04
O5' ATP E . 15.48 5.98 -5.94
C5' ATP E . 16.03 5.69 -4.66
C4' ATP E . 17.18 6.66 -4.46
O4' ATP E . 18.31 6.22 -5.24
C3' ATP E . 16.88 8.08 -4.95
O3' ATP E . 16.16 8.96 -4.08
C2' ATP E . 18.30 8.56 -5.03
O2' ATP E . 18.70 8.69 -3.66
C1' ATP E . 19.00 7.38 -5.69
N9 ATP E . 18.91 7.61 -7.17
C8 ATP E . 17.84 7.41 -7.97
N7 ATP E . 18.08 7.75 -9.26
C5 ATP E . 19.34 8.20 -9.31
C6 ATP E . 20.24 8.72 -10.36
N6 ATP E . 19.83 8.83 -11.64
N1 ATP E . 21.48 9.08 -10.00
C2 ATP E . 21.90 8.97 -8.73
N3 ATP E . 21.14 8.51 -7.72
C4 ATP E . 19.88 8.12 -7.95
MG MG F . 11.53 6.93 -9.59
S SO4 G . -1.73 8.56 35.35
O1 SO4 G . -1.91 9.53 34.28
O2 SO4 G . -3.02 7.94 35.67
O3 SO4 G . -0.84 7.48 34.95
O4 SO4 G . -1.13 9.21 36.52
S SO4 H . 16.52 10.43 13.47
O1 SO4 H . 16.75 11.32 12.33
O2 SO4 H . 15.66 11.09 14.43
O3 SO4 H . 15.87 9.21 13.00
O4 SO4 H . 17.81 10.09 14.08
PG ATP I . -10.84 6.82 4.50
O1G ATP I . -11.20 5.47 3.96
O2G ATP I . -9.37 7.14 4.39
O3G ATP I . -11.42 7.07 5.88
PB ATP I . -13.23 7.90 3.28
O1B ATP I . -13.57 9.06 2.38
O2B ATP I . -13.83 7.91 4.67
O3B ATP I . -11.61 7.82 3.45
PA ATP I . -14.90 5.60 2.95
O1A ATP I . -15.05 4.37 2.06
O2A ATP I . -14.72 5.35 4.43
O3A ATP I . -13.64 6.53 2.51
O5' ATP I . -16.15 6.56 2.62
C5' ATP I . -16.32 7.12 1.32
C4' ATP I . -17.31 8.28 1.34
O4' ATP I . -18.55 7.94 1.98
C3' ATP I . -16.79 9.47 2.12
O3' ATP I . -16.01 10.32 1.30
C2' ATP I . -18.05 10.18 2.59
O2' ATP I . -18.46 11.19 1.66
C1' ATP I . -19.10 9.09 2.65
N9 ATP I . -19.40 8.78 4.07
C8 ATP I . -19.02 7.66 4.72
N7 ATP I . -19.44 7.64 6.01
C5 ATP I . -20.12 8.79 6.21
C6 ATP I . -20.83 9.40 7.36
N6 ATP I . -20.89 8.76 8.55
N1 ATP I . -21.40 10.61 7.16
C2 ATP I . -21.33 11.24 5.96
N3 ATP I . -20.70 10.74 4.87
C4 ATP I . -20.09 9.54 4.93
MG MG J . -13.24 5.36 6.94
S SO4 K . -11.71 -22.65 18.23
O1 SO4 K . -11.65 -21.39 17.49
O2 SO4 K . -12.65 -23.54 17.56
O3 SO4 K . -12.17 -22.41 19.59
O4 SO4 K . -10.39 -23.25 18.26
S SO4 L . 15.71 -34.71 -19.87
O1 SO4 L . 16.40 -33.52 -20.38
O2 SO4 L . 15.32 -35.57 -20.98
O3 SO4 L . 14.51 -34.33 -19.13
O4 SO4 L . 16.64 -35.44 -19.00
#